data_8TAC
#
_entry.id   8TAC
#
_cell.length_a   28.352
_cell.length_b   103.996
_cell.length_c   32.825
_cell.angle_alpha   90.00
_cell.angle_beta   99.47
_cell.angle_gamma   90.00
#
_symmetry.space_group_name_H-M   'P 1 21 1'
#
loop_
_entity.id
_entity.type
_entity.pdbx_description
1 polymer DBP48
2 polymer "DNA (5'-D(*AP*CP*CP*TP*GP*AP*CP*GP*CP*GP*A)-3')"
3 polymer "DNA (5'-D(*TP*TP*CP*GP*CP*GP*TP*CP*AP*GP*GP)-3')"
4 water water
#
loop_
_entity_poly.entity_id
_entity_poly.type
_entity_poly.pdbx_seq_one_letter_code
_entity_poly.pdbx_strand_id
1 'polypeptide(L)' SGMTPEEIAEAKRIGKEVKERRKELGLTQRELAEKLGVSRSTVSDIENGRRLPSEELLKKIKEILGVGSG A,B
2 'polydeoxyribonucleotide' (DA)(DC)(DC)(DT)(DG)(DA)(DC)(DG)(DC)(DG)(DA) C
3 'polydeoxyribonucleotide' (DT)(DT)(DC)(DG)(DC)(DG)(DT)(DC)(DA)(DG)(DG) D
#
# COMPACT_ATOMS: atom_id res chain seq x y z
N GLY A 2 10.87 -29.64 -8.49
CA GLY A 2 10.10 -28.38 -8.65
C GLY A 2 9.68 -27.77 -7.33
N MET A 3 8.78 -26.79 -7.39
CA MET A 3 8.29 -26.13 -6.19
C MET A 3 7.32 -27.03 -5.43
N THR A 4 7.27 -26.84 -4.12
CA THR A 4 6.33 -27.60 -3.31
C THR A 4 4.91 -27.06 -3.52
N PRO A 5 3.90 -27.90 -3.35
CA PRO A 5 2.51 -27.41 -3.50
C PRO A 5 2.24 -26.15 -2.71
N GLU A 6 2.86 -26.01 -1.54
CA GLU A 6 2.69 -24.81 -0.74
C GLU A 6 3.45 -23.64 -1.34
N GLU A 7 4.59 -23.90 -1.96
CA GLU A 7 5.33 -22.84 -2.65
C GLU A 7 4.50 -22.22 -3.77
N ILE A 8 3.84 -23.07 -4.57
CA ILE A 8 2.95 -22.57 -5.61
C ILE A 8 1.88 -21.67 -4.99
N ALA A 9 1.27 -22.13 -3.91
CA ALA A 9 0.22 -21.33 -3.26
C ALA A 9 0.74 -19.95 -2.88
N GLU A 10 1.90 -19.89 -2.23
CA GLU A 10 2.47 -18.61 -1.83
C GLU A 10 2.75 -17.73 -3.04
N ALA A 11 3.26 -18.33 -4.13
CA ALA A 11 3.46 -17.60 -5.38
C ALA A 11 2.17 -16.88 -5.78
N LYS A 12 1.09 -17.64 -5.96
CA LYS A 12 -0.20 -17.05 -6.31
C LYS A 12 -0.61 -15.99 -5.31
N ARG A 13 -0.41 -16.26 -4.02
CA ARG A 13 -0.82 -15.30 -3.00
C ARG A 13 -0.12 -13.96 -3.18
N ILE A 14 1.22 -13.96 -3.09
CA ILE A 14 1.98 -12.72 -3.19
C ILE A 14 1.59 -11.97 -4.45
N GLY A 15 1.61 -12.64 -5.60
CA GLY A 15 1.33 -11.96 -6.86
C GLY A 15 -0.02 -11.28 -6.87
N LYS A 16 -1.06 -12.01 -6.48
CA LYS A 16 -2.40 -11.42 -6.44
C LYS A 16 -2.42 -10.19 -5.55
N GLU A 17 -1.76 -10.26 -4.39
CA GLU A 17 -1.71 -9.12 -3.49
C GLU A 17 -0.94 -7.97 -4.14
N VAL A 18 0.20 -8.27 -4.76
CA VAL A 18 0.98 -7.22 -5.42
C VAL A 18 0.14 -6.51 -6.47
N LYS A 19 -0.55 -7.28 -7.31
CA LYS A 19 -1.35 -6.67 -8.36
C LYS A 19 -2.43 -5.76 -7.77
N GLU A 20 -3.11 -6.23 -6.71
CA GLU A 20 -4.19 -5.44 -6.13
C GLU A 20 -3.67 -4.15 -5.52
N ARG A 21 -2.50 -4.20 -4.87
CA ARG A 21 -1.92 -2.99 -4.29
C ARG A 21 -1.37 -2.06 -5.35
N ARG A 22 -0.96 -2.61 -6.50
CA ARG A 22 -0.47 -1.76 -7.58
C ARG A 22 -1.62 -0.99 -8.24
N LYS A 23 -2.80 -1.59 -8.32
CA LYS A 23 -3.95 -0.90 -8.88
C LYS A 23 -4.43 0.22 -7.96
N GLU A 24 -4.34 0.01 -6.65
CA GLU A 24 -4.73 1.06 -5.71
C GLU A 24 -3.75 2.23 -5.77
N LEU A 25 -2.47 1.95 -6.00
CA LEU A 25 -1.47 2.98 -6.19
C LEU A 25 -1.35 3.43 -7.64
N GLY A 26 -2.34 3.12 -8.47
CA GLY A 26 -2.36 3.54 -9.86
C GLY A 26 -1.04 3.40 -10.57
N LEU A 27 -0.34 2.30 -10.32
CA LEU A 27 0.99 2.06 -10.86
C LEU A 27 0.92 1.11 -12.05
N THR A 28 1.79 1.34 -13.03
CA THR A 28 2.04 0.35 -14.07
C THR A 28 3.08 -0.66 -13.58
N GLN A 29 3.08 -1.83 -14.22
CA GLN A 29 4.08 -2.84 -13.89
C GLN A 29 5.49 -2.29 -14.10
N ARG A 30 5.70 -1.56 -15.20
CA ARG A 30 6.97 -0.90 -15.43
C ARG A 30 7.31 0.06 -14.30
N GLU A 31 6.36 0.92 -13.93
CA GLU A 31 6.60 1.86 -12.84
C GLU A 31 6.88 1.13 -11.53
N LEU A 32 6.07 0.12 -11.22
CA LEU A 32 6.30 -0.65 -9.99
C LEU A 32 7.67 -1.32 -10.02
N ALA A 33 8.12 -1.75 -11.21
CA ALA A 33 9.42 -2.40 -11.30
C ALA A 33 10.55 -1.42 -11.00
N GLU A 34 10.39 -0.17 -11.45
CA GLU A 34 11.35 0.86 -11.07
C GLU A 34 11.43 1.02 -9.56
N LYS A 35 10.27 1.07 -8.90
CA LYS A 35 10.24 1.14 -7.44
C LYS A 35 10.90 -0.10 -6.83
N LEU A 36 10.53 -1.29 -7.33
CA LEU A 36 11.04 -2.54 -6.78
C LEU A 36 12.46 -2.85 -7.24
N GLY A 37 13.08 -1.99 -8.05
CA GLY A 37 14.43 -2.24 -8.52
C GLY A 37 14.60 -3.55 -9.26
N VAL A 38 13.63 -3.90 -10.11
CA VAL A 38 13.66 -5.16 -10.85
C VAL A 38 13.07 -4.94 -12.24
N SER A 39 12.99 -6.00 -13.04
CA SER A 39 12.43 -5.90 -14.38
C SER A 39 10.90 -5.92 -14.32
N ARG A 40 10.29 -5.27 -15.32
CA ARG A 40 8.83 -5.32 -15.45
C ARG A 40 8.35 -6.74 -15.71
N SER A 41 9.15 -7.53 -16.44
N SER A 41 9.15 -7.54 -16.44
CA SER A 41 8.81 -8.93 -16.63
CA SER A 41 8.81 -8.94 -16.63
C SER A 41 8.77 -9.69 -15.31
C SER A 41 8.78 -9.70 -15.32
N THR A 42 9.74 -9.42 -14.43
CA THR A 42 9.75 -10.05 -13.12
C THR A 42 8.49 -9.69 -12.34
N VAL A 43 8.01 -8.45 -12.50
CA VAL A 43 6.74 -8.07 -11.88
C VAL A 43 5.64 -9.01 -12.32
N SER A 44 5.46 -9.16 -13.64
CA SER A 44 4.41 -10.02 -14.16
C SER A 44 4.61 -11.47 -13.73
N ASP A 45 5.87 -11.91 -13.59
CA ASP A 45 6.12 -13.28 -13.15
C ASP A 45 5.51 -13.53 -11.78
N ILE A 46 5.87 -12.70 -10.81
CA ILE A 46 5.28 -12.82 -9.47
C ILE A 46 3.78 -12.54 -9.54
N GLU A 47 3.40 -11.47 -10.24
CA GLU A 47 1.99 -11.09 -10.31
C GLU A 47 1.10 -12.22 -10.82
N ASN A 48 1.68 -13.19 -11.53
CA ASN A 48 0.94 -14.33 -12.06
C ASN A 48 1.27 -15.63 -11.33
N GLY A 49 1.87 -15.54 -10.14
CA GLY A 49 2.17 -16.71 -9.35
C GLY A 49 3.01 -17.76 -10.05
N ARG A 50 3.90 -17.32 -10.93
CA ARG A 50 4.78 -18.22 -11.66
C ARG A 50 6.14 -18.38 -10.99
N ARG A 51 6.48 -17.53 -10.03
CA ARG A 51 7.79 -17.59 -9.40
C ARG A 51 7.73 -16.85 -8.07
N LEU A 52 8.22 -17.49 -7.01
CA LEU A 52 8.25 -16.85 -5.72
C LEU A 52 9.33 -15.76 -5.71
N PRO A 53 9.06 -14.60 -5.10
CA PRO A 53 10.11 -13.58 -5.00
C PRO A 53 11.30 -14.08 -4.21
N SER A 54 12.49 -13.62 -4.59
CA SER A 54 13.70 -13.94 -3.85
C SER A 54 13.77 -13.09 -2.59
N GLU A 55 14.88 -13.22 -1.85
CA GLU A 55 15.01 -12.52 -0.58
C GLU A 55 15.04 -11.00 -0.77
N GLU A 56 15.80 -10.53 -1.77
CA GLU A 56 15.95 -9.10 -1.98
C GLU A 56 14.62 -8.45 -2.35
N LEU A 57 13.80 -9.14 -3.14
CA LEU A 57 12.56 -8.55 -3.63
C LEU A 57 11.44 -8.63 -2.58
N LEU A 58 11.42 -9.68 -1.76
CA LEU A 58 10.42 -9.76 -0.70
C LEU A 58 10.59 -8.61 0.29
N LYS A 59 11.82 -8.27 0.63
CA LYS A 59 12.07 -7.10 1.48
C LYS A 59 11.51 -5.85 0.82
N LYS A 60 11.76 -5.68 -0.48
CA LYS A 60 11.32 -4.48 -1.18
C LYS A 60 9.80 -4.46 -1.35
N ILE A 61 9.19 -5.63 -1.61
CA ILE A 61 7.75 -5.69 -1.81
C ILE A 61 7.02 -5.11 -0.60
N LYS A 62 7.44 -5.51 0.60
CA LYS A 62 6.82 -4.97 1.80
C LYS A 62 7.21 -3.51 2.02
N GLU A 63 8.41 -3.12 1.60
CA GLU A 63 8.84 -1.73 1.78
C GLU A 63 8.08 -0.79 0.87
N ILE A 64 7.84 -1.20 -0.38
CA ILE A 64 7.21 -0.33 -1.35
C ILE A 64 5.69 -0.46 -1.32
N LEU A 65 5.18 -1.69 -1.15
CA LEU A 65 3.74 -1.93 -1.21
C LEU A 65 3.12 -2.26 0.14
N GLY A 66 3.90 -2.73 1.11
CA GLY A 66 3.36 -3.14 2.39
C GLY A 66 2.87 -4.56 2.44
N VAL A 67 3.10 -5.34 1.38
CA VAL A 67 2.72 -6.75 1.32
C VAL A 67 3.95 -7.58 1.67
N GLY A 68 3.77 -8.56 2.56
CA GLY A 68 4.89 -9.34 3.04
C GLY A 68 4.63 -10.84 3.04
N GLY B 2 -21.64 20.21 12.15
CA GLY B 2 -21.29 19.00 12.94
C GLY B 2 -21.11 17.76 12.09
N MET B 3 -21.20 17.94 10.77
CA MET B 3 -21.09 16.83 9.82
C MET B 3 -22.36 15.98 9.83
N THR B 4 -22.52 15.15 8.81
CA THR B 4 -23.61 14.19 8.72
C THR B 4 -23.12 12.82 9.16
N PRO B 5 -23.97 12.00 9.81
CA PRO B 5 -23.51 10.67 10.24
C PRO B 5 -22.74 9.91 9.17
N GLU B 6 -23.08 10.15 7.91
CA GLU B 6 -22.39 9.47 6.82
C GLU B 6 -20.92 9.90 6.76
N GLU B 7 -20.67 11.21 6.84
CA GLU B 7 -19.31 11.71 6.77
C GLU B 7 -18.47 11.20 7.94
N ILE B 8 -19.06 11.20 9.14
CA ILE B 8 -18.34 10.69 10.31
C ILE B 8 -17.96 9.23 10.10
N ALA B 9 -18.87 8.44 9.53
CA ALA B 9 -18.57 7.02 9.28
C ALA B 9 -17.39 6.89 8.33
N GLU B 10 -17.46 7.57 7.18
CA GLU B 10 -16.34 7.55 6.24
C GLU B 10 -15.04 7.98 6.92
N ALA B 11 -15.14 8.93 7.86
CA ALA B 11 -13.95 9.39 8.57
C ALA B 11 -13.28 8.24 9.33
N LYS B 12 -14.05 7.60 10.23
CA LYS B 12 -13.49 6.51 11.02
C LYS B 12 -12.92 5.42 10.12
N ARG B 13 -13.65 5.07 9.06
CA ARG B 13 -13.18 4.04 8.13
C ARG B 13 -11.86 4.45 7.49
N ILE B 14 -11.81 5.64 6.90
CA ILE B 14 -10.57 6.14 6.30
C ILE B 14 -9.44 6.09 7.32
N GLY B 15 -9.69 6.62 8.52
CA GLY B 15 -8.66 6.66 9.53
C GLY B 15 -8.10 5.29 9.84
N LYS B 16 -8.98 4.32 10.07
CA LYS B 16 -8.53 2.94 10.24
C LYS B 16 -7.59 2.53 9.12
N GLU B 17 -8.12 2.47 7.89
CA GLU B 17 -7.33 2.02 6.75
C GLU B 17 -5.99 2.75 6.66
N VAL B 18 -5.99 4.05 6.94
CA VAL B 18 -4.75 4.82 6.89
C VAL B 18 -3.72 4.22 7.84
N LYS B 19 -4.07 4.15 9.12
CA LYS B 19 -3.15 3.60 10.11
C LYS B 19 -2.74 2.18 9.76
N GLU B 20 -3.66 1.38 9.20
CA GLU B 20 -3.34 0.01 8.84
C GLU B 20 -2.22 -0.02 7.80
N ARG B 21 -2.45 0.61 6.65
CA ARG B 21 -1.44 0.62 5.60
C ARG B 21 -0.16 1.27 6.07
N ARG B 22 -0.26 2.31 6.91
CA ARG B 22 0.92 2.97 7.46
C ARG B 22 1.78 1.97 8.23
N LYS B 23 1.17 1.20 9.13
CA LYS B 23 1.93 0.22 9.89
C LYS B 23 2.43 -0.93 9.02
N GLU B 24 1.70 -1.25 7.95
CA GLU B 24 2.14 -2.29 7.04
C GLU B 24 3.48 -1.93 6.39
N LEU B 25 3.71 -0.63 6.17
CA LEU B 25 4.96 -0.14 5.62
C LEU B 25 5.92 0.31 6.70
N GLY B 26 5.67 -0.06 7.96
CA GLY B 26 6.52 0.34 9.06
C GLY B 26 6.72 1.84 9.13
N LEU B 27 5.69 2.60 8.75
CA LEU B 27 5.75 4.06 8.76
C LEU B 27 5.18 4.60 10.06
N THR B 28 5.87 5.60 10.62
CA THR B 28 5.34 6.33 11.77
C THR B 28 4.44 7.47 11.29
N GLN B 29 3.69 8.04 12.23
CA GLN B 29 2.85 9.18 11.89
C GLN B 29 3.70 10.36 11.42
N ARG B 30 4.93 10.47 11.91
CA ARG B 30 5.82 11.52 11.47
C ARG B 30 6.43 11.21 10.09
N GLU B 31 6.59 9.93 9.77
CA GLU B 31 7.16 9.55 8.48
C GLU B 31 6.11 9.62 7.37
N LEU B 32 4.87 9.27 7.68
CA LEU B 32 3.80 9.38 6.69
C LEU B 32 3.43 10.84 6.44
N ALA B 33 3.50 11.67 7.49
CA ALA B 33 3.09 13.07 7.36
C ALA B 33 3.90 13.78 6.29
N GLU B 34 5.22 13.62 6.32
CA GLU B 34 6.07 14.26 5.31
C GLU B 34 5.76 13.72 3.93
N LYS B 35 5.54 12.41 3.81
CA LYS B 35 5.18 11.82 2.52
C LYS B 35 3.85 12.34 2.01
N LEU B 36 3.03 12.92 2.88
CA LEU B 36 1.74 13.48 2.49
C LEU B 36 1.70 15.00 2.58
N GLY B 37 2.78 15.64 2.98
CA GLY B 37 2.81 17.09 3.08
C GLY B 37 1.81 17.62 4.08
N VAL B 38 1.76 17.02 5.26
CA VAL B 38 0.85 17.42 6.34
C VAL B 38 1.60 17.31 7.67
N SER B 39 1.00 17.87 8.71
CA SER B 39 1.54 17.75 10.05
C SER B 39 1.25 16.36 10.61
N ARG B 40 2.17 15.85 11.43
CA ARG B 40 1.92 14.58 12.11
C ARG B 40 0.64 14.65 12.92
N SER B 41 0.35 15.81 13.52
CA SER B 41 -0.89 15.97 14.27
C SER B 41 -2.09 15.75 13.37
N THR B 42 -2.07 16.34 12.17
CA THR B 42 -3.13 16.10 11.21
C THR B 42 -3.23 14.62 10.87
N VAL B 43 -2.10 13.96 10.62
CA VAL B 43 -2.11 12.53 10.36
C VAL B 43 -2.83 11.79 11.48
N SER B 44 -2.48 12.10 12.73
CA SER B 44 -3.13 11.47 13.88
C SER B 44 -4.64 11.73 13.86
N ASP B 45 -5.03 12.98 13.68
CA ASP B 45 -6.45 13.31 13.63
C ASP B 45 -7.19 12.48 12.59
N ILE B 46 -6.60 12.36 11.39
CA ILE B 46 -7.25 11.56 10.34
C ILE B 46 -7.38 10.11 10.79
N GLU B 47 -6.28 9.52 11.25
CA GLU B 47 -6.30 8.12 11.66
C GLU B 47 -7.25 7.87 12.82
N ASN B 48 -7.69 8.92 13.51
CA ASN B 48 -8.57 8.79 14.66
C ASN B 48 -10.02 9.11 14.34
N GLY B 49 -10.34 9.34 13.07
CA GLY B 49 -11.72 9.62 12.68
C GLY B 49 -12.27 10.94 13.20
N ARG B 50 -11.41 11.82 13.72
CA ARG B 50 -11.90 13.08 14.27
C ARG B 50 -12.55 13.94 13.20
N ARG B 51 -11.94 14.02 12.03
CA ARG B 51 -12.50 14.74 10.90
C ARG B 51 -12.29 13.93 9.63
N LEU B 52 -12.86 14.42 8.53
CA LEU B 52 -12.67 13.78 7.24
C LEU B 52 -11.49 14.40 6.50
N PRO B 53 -10.81 13.64 5.65
CA PRO B 53 -9.70 14.22 4.88
C PRO B 53 -10.21 15.19 3.82
N SER B 54 -9.33 16.10 3.42
CA SER B 54 -9.65 17.09 2.41
C SER B 54 -9.56 16.45 1.02
N GLU B 55 -9.73 17.25 -0.03
CA GLU B 55 -9.62 16.74 -1.39
C GLU B 55 -8.17 16.36 -1.71
N GLU B 56 -7.28 17.35 -1.68
CA GLU B 56 -5.87 17.08 -2.00
C GLU B 56 -5.29 16.01 -1.09
N LEU B 57 -5.60 16.08 0.21
CA LEU B 57 -5.06 15.09 1.14
C LEU B 57 -5.57 13.69 0.81
N LEU B 58 -6.87 13.55 0.59
CA LEU B 58 -7.42 12.27 0.15
C LEU B 58 -6.67 11.74 -1.07
N LYS B 59 -6.38 12.62 -2.02
CA LYS B 59 -5.64 12.20 -3.22
C LYS B 59 -4.23 11.74 -2.87
N LYS B 60 -3.54 12.51 -2.01
CA LYS B 60 -2.20 12.11 -1.60
C LYS B 60 -2.22 10.80 -0.84
N ILE B 61 -3.32 10.51 -0.13
CA ILE B 61 -3.40 9.25 0.61
C ILE B 61 -3.56 8.09 -0.37
N LYS B 62 -4.41 8.25 -1.38
CA LYS B 62 -4.47 7.24 -2.44
C LYS B 62 -3.13 7.10 -3.13
N GLU B 63 -2.34 8.17 -3.17
CA GLU B 63 -1.03 8.13 -3.83
C GLU B 63 -0.02 7.34 -3.01
N ILE B 64 -0.07 7.47 -1.69
CA ILE B 64 0.95 6.93 -0.81
C ILE B 64 0.52 5.59 -0.20
N LEU B 65 -0.75 5.46 0.18
CA LEU B 65 -1.26 4.26 0.83
C LEU B 65 -2.20 3.45 -0.05
N GLY B 66 -2.71 4.03 -1.13
CA GLY B 66 -3.70 3.38 -1.95
C GLY B 66 -5.12 3.49 -1.44
N VAL B 67 -5.33 4.04 -0.25
CA VAL B 67 -6.67 4.20 0.30
C VAL B 67 -7.41 5.29 -0.46
#